data_1TK2
#
_entry.id   1TK2
#
_cell.length_a   76.250
_cell.length_b   73.340
_cell.length_c   40.890
_cell.angle_alpha   90.00
_cell.angle_beta   90.00
_cell.angle_gamma   90.00
#
_symmetry.space_group_name_H-M   'P 21 21 21'
#
loop_
_entity.id
_entity.type
_entity.pdbx_description
1 polymer 'SUBTILISIN SAVINASE'
2 polymer 'GRAMICIDIN S'
3 non-polymer 'CALCIUM ION'
4 water water
#
loop_
_entity_poly.entity_id
_entity_poly.type
_entity_poly.pdbx_seq_one_letter_code
_entity_poly.pdbx_strand_id
1 'polypeptide(L)'
;AQSVPWGISRVQAPAAHNRGLTGSGVKVAVLDTGISTHPDLNIRGGASFVPGEPSTQDGNGHGTHVAGTIAALNNSIGVL
GVAPSAELYAVKVLGASGSGSVSSIAQGLEWAGNNGMHVANLSLGSPSPSATLEQAVNSATSRGVLVVAASGNSGAGSIS
YPARYANAMAVGATDQNNNRASFSQYGAGLDIVAPGVNVQSTYPGSTYASLNGTSMATPHVAGAAALVKQKNPSWSNVQI
RNHLKNTATSLGSTNLYGSGLVNAEAATR
;
A
2 'polypeptide(L)' V(ORN)L(DPN)PV(ORN)L(DPN)P B
#
loop_
_chem_comp.id
_chem_comp.type
_chem_comp.name
_chem_comp.formula
CA non-polymer 'CALCIUM ION' 'Ca 2'
#
# COMPACT_ATOMS: atom_id res chain seq x y z
N ALA A 1 -3.24 22.41 13.01
CA ALA A 1 -3.68 21.24 13.80
C ALA A 1 -3.68 20.04 12.88
N GLN A 2 -3.69 18.86 13.47
CA GLN A 2 -3.69 17.63 12.69
C GLN A 2 -5.10 17.11 12.43
N SER A 3 -5.36 16.73 11.20
CA SER A 3 -6.63 16.12 10.83
C SER A 3 -6.44 14.61 10.71
N VAL A 4 -7.49 13.87 11.02
CA VAL A 4 -7.52 12.42 10.79
C VAL A 4 -8.40 12.16 9.57
N PRO A 5 -7.79 11.74 8.47
CA PRO A 5 -8.56 11.46 7.27
C PRO A 5 -9.64 10.43 7.52
N TRP A 6 -10.78 10.55 6.81
CA TRP A 6 -11.92 9.64 7.00
C TRP A 6 -11.49 8.19 6.91
N GLY A 7 -10.61 7.87 5.96
CA GLY A 7 -10.21 6.49 5.75
C GLY A 7 -9.44 5.88 6.90
N ILE A 8 -8.65 6.67 7.59
CA ILE A 8 -7.85 6.22 8.73
C ILE A 8 -8.81 5.86 9.85
N SER A 9 -9.81 6.71 10.07
CA SER A 9 -10.85 6.42 11.05
C SER A 9 -11.67 5.20 10.67
N ARG A 10 -11.97 5.06 9.38
CA ARG A 10 -12.83 3.98 8.94
C ARG A 10 -12.20 2.61 9.17
N VAL A 11 -10.87 2.52 8.98
CA VAL A 11 -10.20 1.24 9.21
C VAL A 11 -9.84 1.02 10.69
N GLN A 12 -10.24 1.98 11.52
CA GLN A 12 -10.14 1.90 12.99
C GLN A 12 -8.69 1.89 13.50
N ALA A 13 -7.82 2.56 12.75
CA ALA A 13 -6.42 2.73 13.18
C ALA A 13 -6.28 3.44 14.53
N PRO A 14 -7.06 4.49 14.81
CA PRO A 14 -6.94 5.13 16.14
C PRO A 14 -7.11 4.20 17.33
N ALA A 15 -7.98 3.20 17.22
CA ALA A 15 -8.13 2.21 18.31
C ALA A 15 -6.83 1.45 18.53
N ALA A 16 -6.16 1.02 17.47
CA ALA A 16 -4.86 0.40 17.56
C ALA A 16 -3.84 1.35 18.19
N HIS A 17 -3.85 2.61 17.80
CA HIS A 17 -2.90 3.57 18.32
C HIS A 17 -3.08 3.73 19.81
N ASN A 18 -4.32 3.65 20.26
CA ASN A 18 -4.62 3.76 21.70
C ASN A 18 -4.05 2.62 22.50
N ARG A 19 -3.74 1.49 21.87
CA ARG A 19 -3.12 0.34 22.53
C ARG A 19 -1.59 0.45 22.51
N GLY A 20 -1.07 1.48 21.87
CA GLY A 20 0.36 1.66 21.72
C GLY A 20 0.90 1.04 20.47
N LEU A 21 0.02 0.64 19.56
CA LEU A 21 0.44 0.01 18.31
C LEU A 21 0.43 1.07 17.21
N THR A 22 1.64 1.41 16.77
CA THR A 22 1.86 2.49 15.78
C THR A 22 2.72 2.07 14.62
N GLY A 23 3.21 0.82 14.66
CA GLY A 23 4.10 0.28 13.62
C GLY A 23 5.56 0.50 13.94
N SER A 24 5.88 0.84 15.20
CA SER A 24 7.24 1.06 15.59
C SER A 24 8.14 -0.14 15.30
N GLY A 25 9.30 0.10 14.70
CA GLY A 25 10.27 -0.95 14.40
C GLY A 25 9.98 -1.77 13.15
N VAL A 26 8.89 -1.49 12.46
CA VAL A 26 8.51 -2.26 11.27
C VAL A 26 8.95 -1.55 9.99
N LYS A 27 9.70 -2.26 9.13
CA LYS A 27 10.21 -1.66 7.91
C LYS A 27 9.26 -1.90 6.73
N VAL A 28 8.82 -0.81 6.12
CA VAL A 28 7.85 -0.84 5.02
C VAL A 28 8.45 -0.16 3.81
N ALA A 29 8.51 -0.86 2.69
CA ALA A 29 9.01 -0.34 1.44
C ALA A 29 7.85 0.11 0.57
N VAL A 30 7.92 1.32 0.03
CA VAL A 30 6.91 1.87 -0.85
C VAL A 30 7.52 1.87 -2.25
N LEU A 31 7.06 0.95 -3.09
CA LEU A 31 7.58 0.80 -4.47
C LEU A 31 6.73 1.66 -5.35
N ASP A 32 7.21 2.83 -5.77
CA ASP A 32 6.35 3.82 -6.37
C ASP A 32 7.20 4.85 -7.10
N THR A 33 6.71 6.08 -7.18
CA THR A 33 7.38 7.14 -7.92
C THR A 33 8.39 7.89 -7.05
N GLY A 34 8.68 7.39 -5.85
CA GLY A 34 9.52 8.08 -4.89
C GLY A 34 8.67 8.57 -3.73
N ILE A 35 9.35 9.15 -2.76
CA ILE A 35 8.71 9.84 -1.63
C ILE A 35 9.45 11.16 -1.41
N SER A 36 8.76 12.29 -1.52
CA SER A 36 9.42 13.57 -1.28
C SER A 36 9.53 13.88 0.21
N THR A 37 10.64 14.51 0.61
CA THR A 37 10.77 14.97 1.98
C THR A 37 9.57 15.89 2.26
N HIS A 38 9.02 15.75 3.46
CA HIS A 38 7.77 16.40 3.83
C HIS A 38 7.76 16.55 5.34
N PRO A 39 7.27 17.68 5.86
CA PRO A 39 7.23 17.88 7.30
C PRO A 39 6.40 16.83 8.07
N ASP A 40 5.47 16.14 7.40
CA ASP A 40 4.65 15.13 8.05
C ASP A 40 5.08 13.70 7.75
N LEU A 41 6.30 13.55 7.21
CA LEU A 41 6.85 12.19 6.94
C LEU A 41 8.27 12.09 7.50
N ASN A 42 8.63 10.88 7.90
CA ASN A 42 10.03 10.54 8.21
C ASN A 42 10.43 9.41 7.29
N ILE A 43 11.36 9.68 6.41
CA ILE A 43 11.83 8.70 5.43
C ILE A 43 13.13 8.15 5.92
N ARG A 44 13.20 6.83 6.10
CA ARG A 44 14.39 6.21 6.64
C ARG A 44 15.42 5.87 5.63
N GLY A 45 15.09 5.83 4.35
CA GLY A 45 16.07 5.48 3.33
C GLY A 45 15.41 5.06 2.04
N GLY A 46 16.14 4.30 1.24
CA GLY A 46 15.61 3.78 0.00
C GLY A 46 16.63 3.75 -1.11
N ALA A 47 16.13 3.54 -2.30
CA ALA A 47 16.97 3.38 -3.49
C ALA A 47 16.15 3.69 -4.71
N SER A 48 16.79 4.02 -5.82
CA SER A 48 16.09 4.26 -7.07
C SER A 48 16.59 3.33 -8.14
N PHE A 49 15.67 2.76 -8.91
CA PHE A 49 16.02 1.92 -10.06
C PHE A 49 15.53 2.52 -11.35
N VAL A 50 15.22 3.81 -11.35
CA VAL A 50 14.74 4.46 -12.58
C VAL A 50 15.90 5.21 -13.23
N PRO A 51 16.29 4.80 -14.44
CA PRO A 51 17.36 5.51 -15.13
C PRO A 51 17.00 6.99 -15.34
N GLY A 52 17.93 7.85 -15.00
CA GLY A 52 17.72 9.28 -15.16
C GLY A 52 17.12 9.96 -13.95
N GLU A 53 16.73 9.18 -12.95
CA GLU A 53 16.22 9.73 -11.69
C GLU A 53 16.94 9.07 -10.53
N PRO A 54 18.13 9.54 -10.21
CA PRO A 54 19.00 8.96 -9.17
C PRO A 54 18.52 9.16 -7.73
N SER A 55 17.67 10.14 -7.51
CA SER A 55 17.26 10.41 -6.15
C SER A 55 15.94 9.67 -5.88
N THR A 56 15.61 9.53 -4.60
CA THR A 56 14.33 8.97 -4.22
C THR A 56 13.23 10.02 -4.10
N GLN A 57 13.50 11.29 -4.39
CA GLN A 57 12.45 12.32 -4.38
C GLN A 57 11.38 12.07 -5.42
N ASP A 58 10.18 12.54 -5.15
CA ASP A 58 9.05 12.21 -5.97
C ASP A 58 8.66 13.32 -6.93
N GLY A 59 8.87 13.08 -8.21
CA GLY A 59 8.51 14.06 -9.24
C GLY A 59 7.10 13.98 -9.78
N ASN A 60 6.32 13.02 -9.24
CA ASN A 60 4.94 12.78 -9.66
C ASN A 60 3.91 13.21 -8.63
N GLY A 61 4.08 12.73 -7.40
CA GLY A 61 3.17 13.00 -6.29
C GLY A 61 2.53 11.74 -5.75
N HIS A 62 2.38 10.73 -6.60
CA HIS A 62 1.70 9.50 -6.25
C HIS A 62 2.36 8.79 -5.07
N GLY A 63 3.66 8.59 -5.13
CA GLY A 63 4.34 7.88 -4.07
C GLY A 63 4.27 8.56 -2.74
N THR A 64 4.36 9.87 -2.75
CA THR A 64 4.31 10.66 -1.51
C THR A 64 2.93 10.54 -0.87
N HIS A 65 1.90 10.54 -1.69
CA HIS A 65 0.53 10.43 -1.22
C HIS A 65 0.29 9.06 -0.61
N VAL A 66 0.72 8.02 -1.32
CA VAL A 66 0.63 6.63 -0.80
C VAL A 66 1.38 6.51 0.53
N ALA A 67 2.59 7.07 0.61
CA ALA A 67 3.41 6.99 1.82
C ALA A 67 2.71 7.59 3.04
N GLY A 68 2.01 8.67 2.86
CA GLY A 68 1.35 9.34 3.98
C GLY A 68 0.14 8.62 4.52
N THR A 69 -0.48 7.81 3.69
CA THR A 69 -1.55 6.95 4.20
C THR A 69 -0.97 5.89 5.12
N ILE A 70 0.19 5.35 4.79
CA ILE A 70 0.85 4.39 5.63
C ILE A 70 1.33 5.02 6.90
N ALA A 71 2.01 6.14 6.81
CA ALA A 71 2.84 6.59 7.94
C ALA A 71 2.97 8.08 8.18
N ALA A 72 2.00 8.89 7.75
CA ALA A 72 2.08 10.32 8.12
C ALA A 72 2.18 10.38 9.66
N LEU A 73 3.01 11.33 10.13
CA LEU A 73 3.41 11.33 11.53
C LEU A 73 2.33 11.81 12.45
N ASN A 74 2.32 11.28 13.67
CA ASN A 74 1.34 11.70 14.69
C ASN A 74 1.97 12.87 15.43
N ASN A 75 1.46 14.06 15.12
CA ASN A 75 2.02 15.31 15.64
C ASN A 75 0.94 16.40 15.61
N SER A 76 1.32 17.65 15.45
CA SER A 76 0.34 18.71 15.49
C SER A 76 0.06 19.33 14.12
N ILE A 77 0.44 18.64 13.03
CA ILE A 77 0.27 19.16 11.69
C ILE A 77 -0.26 18.06 10.77
N GLY A 78 -0.77 18.50 9.62
CA GLY A 78 -1.09 17.61 8.51
C GLY A 78 -2.12 16.54 8.79
N VAL A 79 -1.76 15.30 8.43
CA VAL A 79 -2.63 14.17 8.57
C VAL A 79 -2.04 13.12 9.48
N LEU A 80 -2.51 11.88 9.43
CA LEU A 80 -2.12 10.81 10.31
C LEU A 80 -2.19 9.52 9.56
N GLY A 81 -1.11 8.75 9.59
CA GLY A 81 -1.09 7.46 8.94
C GLY A 81 -1.69 6.32 9.73
N VAL A 82 -1.90 5.19 9.09
CA VAL A 82 -2.37 4.00 9.78
C VAL A 82 -1.33 3.52 10.78
N ALA A 83 -0.05 3.62 10.41
CA ALA A 83 1.11 3.18 11.19
C ALA A 83 2.13 4.32 11.24
N PRO A 84 1.85 5.34 12.06
CA PRO A 84 2.63 6.58 12.05
C PRO A 84 4.08 6.43 12.50
N SER A 85 4.43 5.32 13.15
CA SER A 85 5.81 5.07 13.55
C SER A 85 6.51 4.02 12.69
N ALA A 86 5.86 3.55 11.61
CA ALA A 86 6.55 2.66 10.70
C ALA A 86 7.76 3.31 10.08
N GLU A 87 8.76 2.48 9.76
CA GLU A 87 10.00 2.94 9.12
C GLU A 87 9.85 2.84 7.60
N LEU A 88 9.69 3.99 6.94
CA LEU A 88 9.39 4.08 5.52
C LEU A 88 10.63 4.12 4.70
N TYR A 89 10.66 3.25 3.68
CA TYR A 89 11.74 3.26 2.72
C TYR A 89 11.19 3.55 1.34
N ALA A 90 11.79 4.51 0.66
CA ALA A 90 11.34 4.92 -0.65
C ALA A 90 12.07 4.10 -1.71
N VAL A 91 11.36 3.21 -2.41
CA VAL A 91 11.99 2.40 -3.44
C VAL A 91 11.41 2.88 -4.77
N LYS A 92 12.17 3.71 -5.50
CA LYS A 92 11.63 4.34 -6.69
C LYS A 92 11.75 3.35 -7.86
N VAL A 93 10.61 2.89 -8.35
CA VAL A 93 10.55 1.98 -9.48
C VAL A 93 9.75 2.57 -10.65
N LEU A 94 9.11 3.70 -10.44
CA LEU A 94 8.34 4.37 -11.47
C LEU A 94 8.94 5.77 -11.53
N GLY A 95 8.99 6.32 -12.74
CA GLY A 95 9.47 7.68 -12.96
C GLY A 95 8.43 8.72 -12.72
N ALA A 96 8.83 9.99 -12.90
CA ALA A 96 7.94 11.13 -12.66
C ALA A 96 6.68 11.09 -13.53
N SER A 97 6.76 10.45 -14.68
CA SER A 97 5.61 10.28 -15.57
C SER A 97 4.60 9.27 -15.07
N GLY A 98 5.01 8.46 -14.07
CA GLY A 98 4.15 7.43 -13.50
C GLY A 98 4.31 6.06 -14.13
N SER A 99 5.19 5.94 -15.09
CA SER A 99 5.39 4.64 -15.70
C SER A 99 6.73 4.04 -15.28
N GLY A 100 6.81 2.72 -15.39
CA GLY A 100 8.06 2.03 -15.09
C GLY A 100 8.11 0.78 -15.94
N SER A 101 9.20 0.04 -15.81
CA SER A 101 9.33 -1.25 -16.49
C SER A 101 9.22 -2.40 -15.50
N VAL A 102 8.90 -3.59 -16.00
CA VAL A 102 8.89 -4.74 -15.15
C VAL A 102 10.26 -4.95 -14.52
N SER A 103 11.35 -4.69 -15.27
CA SER A 103 12.70 -4.83 -14.71
C SER A 103 12.90 -3.95 -13.47
N SER A 104 12.45 -2.69 -13.51
CA SER A 104 12.65 -1.82 -12.37
C SER A 104 11.83 -2.30 -11.17
N ILE A 105 10.60 -2.72 -11.41
CA ILE A 105 9.78 -3.22 -10.32
C ILE A 105 10.43 -4.45 -9.70
N ALA A 106 10.91 -5.37 -10.51
CA ALA A 106 11.56 -6.56 -9.99
C ALA A 106 12.80 -6.22 -9.17
N GLN A 107 13.58 -5.24 -9.64
CA GLN A 107 14.72 -4.77 -8.87
C GLN A 107 14.30 -4.25 -7.49
N GLY A 108 13.19 -3.51 -7.44
CA GLY A 108 12.66 -3.03 -6.18
C GLY A 108 12.26 -4.14 -5.24
N LEU A 109 11.63 -5.17 -5.78
CA LEU A 109 11.21 -6.28 -4.95
C LEU A 109 12.43 -7.03 -4.43
N GLU A 110 13.44 -7.20 -5.27
CA GLU A 110 14.66 -7.86 -4.81
C GLU A 110 15.33 -7.04 -3.71
N TRP A 111 15.35 -5.72 -3.87
CA TRP A 111 15.91 -4.83 -2.86
C TRP A 111 15.17 -4.99 -1.56
N ALA A 112 13.84 -5.03 -1.60
CA ALA A 112 13.06 -5.17 -0.40
C ALA A 112 13.39 -6.47 0.31
N GLY A 113 13.55 -7.56 -0.43
CA GLY A 113 13.85 -8.82 0.21
C GLY A 113 15.27 -8.88 0.73
N ASN A 114 16.20 -8.27 0.04
CA ASN A 114 17.60 -8.31 0.45
C ASN A 114 17.88 -7.43 1.66
N ASN A 115 17.06 -6.42 1.88
CA ASN A 115 17.35 -5.41 2.91
C ASN A 115 16.39 -5.43 4.08
N GLY A 116 15.69 -6.53 4.27
CA GLY A 116 14.91 -6.72 5.50
C GLY A 116 13.58 -5.99 5.64
N MET A 117 12.96 -5.60 4.52
CA MET A 117 11.64 -4.97 4.57
C MET A 117 10.61 -6.04 4.93
N HIS A 118 9.64 -5.73 5.77
CA HIS A 118 8.64 -6.72 6.17
C HIS A 118 7.38 -6.58 5.34
N VAL A 119 7.15 -5.38 4.84
CA VAL A 119 5.97 -5.10 4.01
C VAL A 119 6.43 -4.30 2.81
N ALA A 120 5.89 -4.63 1.64
CA ALA A 120 6.13 -3.88 0.40
C ALA A 120 4.77 -3.48 -0.17
N ASN A 121 4.61 -2.18 -0.37
CA ASN A 121 3.42 -1.60 -0.92
C ASN A 121 3.62 -1.33 -2.40
N LEU A 122 2.78 -1.96 -3.22
CA LEU A 122 2.83 -1.81 -4.67
C LEU A 122 1.52 -1.21 -5.19
N SER A 123 1.51 0.14 -5.31
CA SER A 123 0.21 0.77 -5.68
C SER A 123 0.38 0.97 -7.16
N LEU A 124 0.41 -0.13 -7.89
CA LEU A 124 0.71 -0.15 -9.31
C LEU A 124 0.21 -1.41 -9.93
N GLY A 125 0.04 -1.41 -11.25
CA GLY A 125 -0.38 -2.61 -11.92
C GLY A 125 -0.42 -2.49 -13.40
N SER A 126 -0.65 -3.64 -14.00
CA SER A 126 -0.75 -3.80 -15.46
C SER A 126 -1.80 -4.84 -15.75
N PRO A 127 -2.48 -4.75 -16.90
CA PRO A 127 -3.45 -5.79 -17.25
C PRO A 127 -2.83 -7.09 -17.74
N SER A 128 -1.52 -7.07 -17.99
CA SER A 128 -0.82 -8.22 -18.54
C SER A 128 0.14 -8.87 -17.56
N PRO A 129 0.26 -10.18 -17.60
CA PRO A 129 1.19 -10.90 -16.75
C PRO A 129 2.60 -10.78 -17.27
N SER A 130 3.55 -11.00 -16.38
CA SER A 130 4.96 -11.03 -16.71
C SER A 130 5.62 -12.06 -15.82
N ALA A 131 6.30 -13.05 -16.41
CA ALA A 131 7.01 -14.06 -15.62
C ALA A 131 8.05 -13.44 -14.70
N THR A 132 8.73 -12.41 -15.18
CA THR A 132 9.73 -11.69 -14.39
C THR A 132 9.07 -11.16 -13.11
N LEU A 133 7.91 -10.54 -13.26
CA LEU A 133 7.20 -9.97 -12.13
C LEU A 133 6.73 -11.08 -11.17
N GLU A 134 6.21 -12.15 -11.73
CA GLU A 134 5.78 -13.28 -10.91
C GLU A 134 6.95 -13.82 -10.07
N GLN A 135 8.08 -14.07 -10.71
CA GLN A 135 9.23 -14.58 -10.00
C GLN A 135 9.67 -13.63 -8.88
N ALA A 136 9.66 -12.32 -9.15
CA ALA A 136 10.07 -11.35 -8.17
C ALA A 136 9.14 -11.30 -6.95
N VAL A 137 7.84 -11.43 -7.19
CA VAL A 137 6.87 -11.48 -6.09
C VAL A 137 7.11 -12.74 -5.25
N ASN A 138 7.32 -13.86 -5.93
CA ASN A 138 7.53 -15.11 -5.23
C ASN A 138 8.83 -15.09 -4.43
N SER A 139 9.90 -14.57 -5.02
CA SER A 139 11.17 -14.44 -4.33
C SER A 139 11.09 -13.56 -3.09
N ALA A 140 10.45 -12.38 -3.21
CA ALA A 140 10.26 -11.52 -2.07
C ALA A 140 9.46 -12.23 -0.96
N THR A 141 8.42 -12.93 -1.34
CA THR A 141 7.59 -13.68 -0.37
C THR A 141 8.42 -14.72 0.36
N SER A 142 9.30 -15.40 -0.37
CA SER A 142 10.11 -16.41 0.26
C SER A 142 11.12 -15.82 1.23
N ARG A 143 11.48 -14.56 1.04
CA ARG A 143 12.41 -13.87 1.91
C ARG A 143 11.72 -13.13 3.06
N GLY A 144 10.40 -13.31 3.18
CA GLY A 144 9.67 -12.79 4.31
C GLY A 144 8.88 -11.51 4.10
N VAL A 145 8.86 -11.01 2.86
CA VAL A 145 8.16 -9.78 2.58
C VAL A 145 6.68 -10.04 2.28
N LEU A 146 5.80 -9.28 2.92
CA LEU A 146 4.39 -9.29 2.61
C LEU A 146 4.20 -8.27 1.48
N VAL A 147 3.84 -8.74 0.29
CA VAL A 147 3.64 -7.91 -0.88
C VAL A 147 2.15 -7.56 -0.96
N VAL A 148 1.84 -6.25 -0.93
CA VAL A 148 0.46 -5.75 -0.93
C VAL A 148 0.30 -4.94 -2.19
N ALA A 149 -0.70 -5.20 -3.03
CA ALA A 149 -0.82 -4.59 -4.33
C ALA A 149 -2.23 -4.17 -4.64
N ALA A 150 -2.35 -3.14 -5.46
CA ALA A 150 -3.64 -2.63 -5.84
C ALA A 150 -4.39 -3.47 -6.88
N SER A 151 -5.70 -3.59 -6.75
CA SER A 151 -6.44 -4.44 -7.69
C SER A 151 -6.61 -3.79 -9.05
N GLY A 152 -6.51 -2.47 -9.17
CA GLY A 152 -6.66 -1.78 -10.43
C GLY A 152 -7.90 -0.93 -10.52
N ASN A 153 -7.89 -0.02 -11.50
CA ASN A 153 -8.95 0.98 -11.59
C ASN A 153 -9.81 0.91 -12.86
N SER A 154 -9.81 -0.23 -13.51
CA SER A 154 -10.67 -0.36 -14.70
C SER A 154 -12.13 -0.64 -14.48
N GLY A 155 -12.54 -0.99 -13.27
CA GLY A 155 -13.91 -1.34 -12.94
C GLY A 155 -14.33 -2.75 -13.33
N ALA A 156 -13.41 -3.51 -13.89
CA ALA A 156 -13.74 -4.84 -14.38
C ALA A 156 -13.70 -5.89 -13.32
N GLY A 157 -14.33 -7.03 -13.60
CA GLY A 157 -14.38 -8.13 -12.69
C GLY A 157 -13.23 -9.14 -12.77
N SER A 158 -12.04 -8.66 -13.08
CA SER A 158 -10.82 -9.43 -12.92
C SER A 158 -9.78 -8.42 -12.44
N ILE A 159 -8.76 -8.89 -11.72
CA ILE A 159 -7.80 -7.94 -11.11
C ILE A 159 -6.45 -7.84 -11.82
N SER A 160 -5.79 -6.70 -11.65
CA SER A 160 -4.55 -6.42 -12.32
C SER A 160 -3.39 -7.25 -11.81
N TYR A 161 -2.25 -7.23 -12.53
CA TYR A 161 -1.02 -7.84 -12.05
C TYR A 161 -0.09 -6.75 -11.52
N PRO A 162 0.69 -6.96 -10.48
CA PRO A 162 0.90 -8.21 -9.78
C PRO A 162 -0.13 -8.67 -8.78
N ALA A 163 -1.17 -7.88 -8.50
CA ALA A 163 -2.14 -8.30 -7.50
C ALA A 163 -2.75 -9.67 -7.74
N ARG A 164 -2.90 -10.06 -9.00
CA ARG A 164 -3.54 -11.33 -9.36
C ARG A 164 -2.67 -12.54 -9.02
N TYR A 165 -1.40 -12.34 -8.80
CA TYR A 165 -0.53 -13.46 -8.43
C TYR A 165 -0.81 -13.92 -7.02
N ALA A 166 -0.78 -15.23 -6.80
CA ALA A 166 -1.15 -15.78 -5.51
C ALA A 166 -0.43 -15.15 -4.33
N ASN A 167 0.87 -14.92 -4.45
CA ASN A 167 1.66 -14.46 -3.32
C ASN A 167 1.62 -12.93 -3.14
N ALA A 168 0.80 -12.24 -3.91
CA ALA A 168 0.54 -10.81 -3.64
C ALA A 168 -0.84 -10.67 -3.02
N MET A 169 -0.97 -9.86 -1.96
CA MET A 169 -2.25 -9.60 -1.35
C MET A 169 -2.90 -8.47 -2.18
N ALA A 170 -4.11 -8.67 -2.66
CA ALA A 170 -4.76 -7.79 -3.58
C ALA A 170 -5.81 -6.96 -2.86
N VAL A 171 -5.74 -5.64 -3.07
CA VAL A 171 -6.58 -4.70 -2.34
C VAL A 171 -7.43 -3.85 -3.24
N GLY A 172 -8.75 -3.91 -3.06
CA GLY A 172 -9.70 -3.09 -3.77
C GLY A 172 -10.11 -1.88 -2.94
N ALA A 173 -10.91 -1.00 -3.52
CA ALA A 173 -11.30 0.27 -2.95
C ALA A 173 -12.77 0.42 -2.63
N THR A 174 -13.04 0.91 -1.43
CA THR A 174 -14.39 1.30 -1.04
C THR A 174 -14.53 2.81 -0.96
N ASP A 175 -15.77 3.26 -1.00
CA ASP A 175 -16.14 4.65 -0.81
C ASP A 175 -16.62 4.90 0.63
N GLN A 176 -17.16 6.09 0.88
CA GLN A 176 -17.55 6.53 2.21
C GLN A 176 -18.75 5.78 2.78
N ASN A 177 -19.46 5.05 1.96
CA ASN A 177 -20.56 4.24 2.42
C ASN A 177 -20.23 2.77 2.45
N ASN A 178 -18.93 2.42 2.41
CA ASN A 178 -18.47 1.02 2.39
C ASN A 178 -19.00 0.27 1.17
N ASN A 179 -19.19 0.97 0.08
CA ASN A 179 -19.56 0.35 -1.19
C ASN A 179 -18.28 0.22 -2.01
N ARG A 180 -18.25 -0.74 -2.93
CA ARG A 180 -17.12 -0.83 -3.83
C ARG A 180 -17.12 0.41 -4.72
N ALA A 181 -15.98 1.08 -4.83
CA ALA A 181 -15.87 2.22 -5.74
C ALA A 181 -16.05 1.69 -7.15
N SER A 182 -16.73 2.45 -8.01
CA SER A 182 -17.10 1.91 -9.32
C SER A 182 -15.91 1.51 -10.14
N PHE A 183 -14.78 2.18 -9.93
CA PHE A 183 -13.54 1.89 -10.67
C PHE A 183 -12.77 0.68 -10.12
N SER A 184 -13.13 0.25 -8.94
CA SER A 184 -12.31 -0.79 -8.27
C SER A 184 -12.44 -2.16 -8.88
N GLN A 185 -11.33 -2.71 -9.37
CA GLN A 185 -11.36 -4.06 -9.93
C GLN A 185 -11.65 -5.09 -8.87
N TYR A 186 -12.35 -6.14 -9.25
CA TYR A 186 -12.75 -7.18 -8.34
C TYR A 186 -12.64 -8.53 -9.04
N GLY A 187 -13.04 -9.56 -8.34
CA GLY A 187 -12.99 -10.91 -8.93
C GLY A 187 -12.07 -11.87 -8.22
N ALA A 188 -11.72 -12.92 -8.93
CA ALA A 188 -10.92 -13.98 -8.41
C ALA A 188 -9.57 -13.41 -8.00
N GLY A 189 -9.21 -13.69 -6.75
CA GLY A 189 -7.93 -13.24 -6.23
C GLY A 189 -8.00 -12.03 -5.29
N LEU A 190 -9.14 -11.38 -5.27
CA LEU A 190 -9.29 -10.21 -4.39
C LEU A 190 -9.31 -10.63 -2.95
N ASP A 191 -8.40 -10.05 -2.15
CA ASP A 191 -8.29 -10.46 -0.74
C ASP A 191 -9.09 -9.63 0.22
N ILE A 192 -9.19 -8.32 -0.03
CA ILE A 192 -9.65 -7.39 1.00
C ILE A 192 -9.89 -6.03 0.34
N VAL A 193 -10.64 -5.17 0.99
CA VAL A 193 -10.85 -3.80 0.50
C VAL A 193 -10.54 -2.76 1.58
N ALA A 194 -10.35 -1.52 1.16
CA ALA A 194 -10.04 -0.43 2.06
C ALA A 194 -10.45 0.87 1.39
N PRO A 195 -10.57 1.95 2.13
CA PRO A 195 -10.98 3.24 1.56
C PRO A 195 -10.11 3.73 0.44
N GLY A 196 -10.73 4.11 -0.67
CA GLY A 196 -9.99 4.60 -1.81
C GLY A 196 -10.63 5.75 -2.56
N VAL A 197 -11.56 6.45 -1.91
CA VAL A 197 -12.25 7.60 -2.51
C VAL A 197 -12.04 8.78 -1.61
N ASN A 198 -11.63 9.91 -2.19
CA ASN A 198 -11.42 11.17 -1.47
C ASN A 198 -10.47 11.00 -0.33
N VAL A 199 -9.33 10.35 -0.59
CA VAL A 199 -8.31 10.14 0.40
C VAL A 199 -7.30 11.28 0.49
N GLN A 200 -7.34 12.00 1.59
CA GLN A 200 -6.43 13.08 1.86
C GLN A 200 -5.12 12.55 2.39
N SER A 201 -4.01 12.98 1.82
CA SER A 201 -2.69 12.57 2.30
C SER A 201 -1.64 13.61 1.97
N THR A 202 -0.42 13.36 2.36
CA THR A 202 0.74 14.18 2.04
C THR A 202 0.99 14.26 0.55
N TYR A 203 1.55 15.37 0.09
CA TYR A 203 1.81 15.59 -1.31
C TYR A 203 3.05 16.48 -1.42
N PRO A 204 3.84 16.33 -2.48
CA PRO A 204 5.05 17.18 -2.61
C PRO A 204 4.75 18.66 -2.57
N GLY A 205 5.77 19.43 -2.18
CA GLY A 205 5.58 20.84 -1.93
C GLY A 205 5.04 21.10 -0.55
N SER A 206 5.29 20.18 0.37
CA SER A 206 4.89 20.34 1.77
C SER A 206 3.39 20.61 1.92
N THR A 207 2.60 19.96 1.08
CA THR A 207 1.16 20.17 1.10
C THR A 207 0.38 18.85 1.18
N TYR A 208 -0.91 18.92 0.88
CA TYR A 208 -1.84 17.78 1.04
C TYR A 208 -2.77 17.74 -0.16
N ALA A 209 -3.27 16.56 -0.50
CA ALA A 209 -4.14 16.43 -1.64
C ALA A 209 -5.09 15.29 -1.42
N SER A 210 -6.28 15.38 -1.99
CA SER A 210 -7.28 14.33 -1.95
C SER A 210 -7.34 13.64 -3.29
N LEU A 211 -7.10 12.34 -3.32
CA LEU A 211 -7.07 11.56 -4.56
C LEU A 211 -7.92 10.29 -4.42
N ASN A 212 -8.26 9.69 -5.56
CA ASN A 212 -9.04 8.46 -5.62
C ASN A 212 -8.29 7.37 -6.30
N GLY A 213 -8.50 6.13 -5.87
CA GLY A 213 -8.02 5.00 -6.63
C GLY A 213 -7.69 3.82 -5.77
N THR A 214 -7.47 2.66 -6.37
CA THR A 214 -7.03 1.49 -5.59
C THR A 214 -5.62 1.68 -5.08
N SER A 215 -4.85 2.57 -5.67
CA SER A 215 -3.52 2.94 -5.15
C SER A 215 -3.61 3.50 -3.77
N MET A 216 -4.71 4.18 -3.44
CA MET A 216 -4.94 4.79 -2.14
C MET A 216 -5.52 3.84 -1.14
N ALA A 217 -6.21 2.81 -1.61
CA ALA A 217 -6.74 1.78 -0.74
C ALA A 217 -5.61 0.93 -0.16
N THR A 218 -4.72 0.47 -1.03
CA THR A 218 -3.61 -0.40 -0.73
C THR A 218 -2.80 -0.01 0.50
N PRO A 219 -2.34 1.24 0.65
CA PRO A 219 -1.54 1.63 1.83
C PRO A 219 -2.28 1.53 3.14
N HIS A 220 -3.62 1.55 3.14
CA HIS A 220 -4.34 1.29 4.39
C HIS A 220 -4.04 -0.09 4.89
N VAL A 221 -3.98 -1.06 3.96
CA VAL A 221 -3.72 -2.43 4.28
C VAL A 221 -2.24 -2.64 4.62
N ALA A 222 -1.33 -2.01 3.89
CA ALA A 222 0.08 -2.11 4.23
C ALA A 222 0.34 -1.59 5.63
N GLY A 223 -0.31 -0.49 5.97
CA GLY A 223 -0.22 0.10 7.32
C GLY A 223 -0.79 -0.83 8.37
N ALA A 224 -1.91 -1.44 8.09
CA ALA A 224 -2.52 -2.38 9.05
C ALA A 224 -1.60 -3.56 9.26
N ALA A 225 -0.93 -4.04 8.23
CA ALA A 225 -0.01 -5.15 8.37
C ALA A 225 1.13 -4.77 9.32
N ALA A 226 1.57 -3.52 9.27
CA ALA A 226 2.67 -3.08 10.13
C ALA A 226 2.20 -3.07 11.56
N LEU A 227 0.95 -2.72 11.81
CA LEU A 227 0.43 -2.77 13.18
C LEU A 227 0.40 -4.19 13.73
N VAL A 228 -0.02 -5.11 12.90
CA VAL A 228 -0.05 -6.54 13.30
C VAL A 228 1.35 -7.06 13.55
N LYS A 229 2.31 -6.69 12.71
CA LYS A 229 3.70 -7.08 12.88
C LYS A 229 4.32 -6.55 14.17
N GLN A 230 3.95 -5.34 14.55
CA GLN A 230 4.48 -4.79 15.80
C GLN A 230 3.91 -5.62 16.98
N LYS A 231 2.63 -5.97 16.91
CA LYS A 231 2.00 -6.71 17.99
C LYS A 231 2.52 -8.14 18.05
N ASN A 232 2.84 -8.72 16.91
CA ASN A 232 3.23 -10.13 16.81
C ASN A 232 4.54 -10.26 15.98
N PRO A 233 5.67 -9.85 16.55
CA PRO A 233 6.92 -9.79 15.79
C PRO A 233 7.40 -11.11 15.22
N SER A 234 6.96 -12.23 15.77
CA SER A 234 7.37 -13.53 15.23
C SER A 234 6.53 -14.02 14.07
N TRP A 235 5.43 -13.34 13.76
CA TRP A 235 4.56 -13.78 12.71
C TRP A 235 5.15 -13.53 11.34
N SER A 236 4.88 -14.50 10.45
CA SER A 236 5.34 -14.44 9.08
C SER A 236 4.37 -13.62 8.20
N ASN A 237 4.83 -13.30 7.00
CA ASN A 237 4.01 -12.59 6.02
C ASN A 237 2.64 -13.25 5.80
N VAL A 238 2.62 -14.55 5.59
CA VAL A 238 1.37 -15.21 5.30
C VAL A 238 0.42 -15.28 6.51
N GLN A 239 1.00 -15.37 7.71
CA GLN A 239 0.20 -15.37 8.91
C GLN A 239 -0.48 -14.03 9.10
N ILE A 240 0.26 -12.95 8.80
CA ILE A 240 -0.26 -11.59 8.92
C ILE A 240 -1.38 -11.39 7.88
N ARG A 241 -1.11 -11.74 6.64
CA ARG A 241 -2.08 -11.71 5.59
C ARG A 241 -3.43 -12.38 5.97
N ASN A 242 -3.33 -13.62 6.47
CA ASN A 242 -4.58 -14.32 6.81
C ASN A 242 -5.28 -13.69 7.98
N HIS A 243 -4.51 -13.19 8.95
CA HIS A 243 -5.12 -12.55 10.11
C HIS A 243 -5.89 -11.27 9.71
N LEU A 244 -5.33 -10.50 8.79
CA LEU A 244 -6.03 -9.31 8.30
C LEU A 244 -7.33 -9.73 7.64
N LYS A 245 -7.32 -10.80 6.86
CA LYS A 245 -8.53 -11.26 6.21
C LYS A 245 -9.56 -11.81 7.21
N ASN A 246 -9.09 -12.63 8.13
CA ASN A 246 -9.98 -13.23 9.11
C ASN A 246 -10.67 -12.20 10.00
N THR A 247 -10.06 -11.05 10.25
CA THR A 247 -10.63 -10.02 11.13
C THR A 247 -11.29 -8.87 10.36
N ALA A 248 -11.32 -8.95 9.05
CA ALA A 248 -11.98 -7.93 8.25
C ALA A 248 -13.51 -7.95 8.43
N THR A 249 -14.12 -6.80 8.22
CA THR A 249 -15.57 -6.71 8.33
C THR A 249 -16.20 -7.15 7.05
N SER A 250 -16.95 -8.26 7.06
CA SER A 250 -17.58 -8.77 5.83
C SER A 250 -18.58 -7.75 5.29
N LEU A 251 -18.55 -7.53 3.97
CA LEU A 251 -19.43 -6.58 3.29
C LEU A 251 -20.41 -7.26 2.35
N GLY A 252 -20.33 -8.57 2.26
CA GLY A 252 -21.10 -9.30 1.26
C GLY A 252 -20.17 -10.17 0.43
N SER A 253 -20.52 -10.43 -0.82
CA SER A 253 -19.77 -11.35 -1.68
C SER A 253 -18.28 -11.17 -1.65
N THR A 254 -17.58 -12.27 -1.50
CA THR A 254 -16.13 -12.26 -1.54
C THR A 254 -15.65 -11.92 -2.94
N ASN A 255 -16.51 -12.08 -3.93
CA ASN A 255 -16.14 -11.70 -5.29
C ASN A 255 -16.00 -10.19 -5.47
N LEU A 256 -16.84 -9.43 -4.79
CA LEU A 256 -16.82 -7.96 -4.90
C LEU A 256 -15.87 -7.30 -3.91
N TYR A 257 -15.77 -7.88 -2.71
CA TYR A 257 -15.10 -7.24 -1.59
C TYR A 257 -14.00 -8.06 -0.94
N GLY A 258 -13.76 -9.28 -1.40
CA GLY A 258 -12.84 -10.17 -0.76
C GLY A 258 -13.38 -10.46 0.64
N SER A 259 -12.47 -10.52 1.61
CA SER A 259 -12.82 -10.80 2.98
C SER A 259 -13.57 -9.66 3.63
N GLY A 260 -13.57 -8.48 3.00
CA GLY A 260 -14.26 -7.34 3.51
C GLY A 260 -13.35 -6.15 3.78
N LEU A 261 -13.85 -5.22 4.60
CA LEU A 261 -13.14 -4.01 4.95
C LEU A 261 -12.11 -4.26 6.02
N VAL A 262 -10.85 -3.95 5.73
CA VAL A 262 -9.81 -4.09 6.75
C VAL A 262 -10.19 -3.38 8.05
N ASN A 263 -9.88 -4.02 9.17
CA ASN A 263 -10.22 -3.49 10.49
C ASN A 263 -9.00 -3.62 11.39
N ALA A 264 -8.28 -2.53 11.57
CA ALA A 264 -7.07 -2.50 12.39
C ALA A 264 -7.32 -2.78 13.86
N GLU A 265 -8.51 -2.42 14.35
CA GLU A 265 -8.82 -2.71 15.75
C GLU A 265 -8.93 -4.21 15.95
N ALA A 266 -9.73 -4.87 15.14
CA ALA A 266 -9.98 -6.31 15.25
C ALA A 266 -8.69 -7.08 15.03
N ALA A 267 -7.86 -6.60 14.12
CA ALA A 267 -6.64 -7.31 13.75
C ALA A 267 -5.59 -7.24 14.82
N THR A 268 -5.71 -6.29 15.75
CA THR A 268 -4.70 -6.11 16.81
C THR A 268 -5.23 -6.41 18.22
N ARG A 269 -6.40 -7.02 18.29
CA ARG A 269 -6.98 -7.27 19.59
C ARG A 269 -6.73 -8.68 20.03
N VAL B 1 0.00 -2.48 -19.58
CA VAL B 1 -0.58 -1.14 -19.36
C VAL B 1 -0.88 -0.82 -17.89
N ORN B 2 -2.12 -0.50 -17.59
CA ORN B 2 -2.31 0.44 -16.52
CB ORN B 2 -2.32 1.73 -17.32
CG ORN B 2 -3.53 1.80 -18.33
CD ORN B 2 -3.66 3.14 -19.04
NE ORN B 2 -4.74 3.16 -20.03
C ORN B 2 -3.50 0.69 -15.64
O ORN B 2 -4.64 0.68 -16.09
N LEU B 3 -3.23 1.09 -14.41
CA LEU B 3 -4.33 1.62 -13.63
C LEU B 3 -3.97 3.13 -13.27
N DPN B 4 -4.88 4.07 -13.61
CA DPN B 4 -4.63 5.53 -13.49
C DPN B 4 -3.17 5.83 -13.94
O DPN B 4 -2.84 5.66 -15.12
CB DPN B 4 -5.68 6.35 -14.29
CG DPN B 4 -5.53 7.84 -14.09
CD1 DPN B 4 -6.13 8.48 -13.01
CD2 DPN B 4 -4.73 8.58 -14.94
CE1 DPN B 4 -5.94 9.84 -12.80
CE2 DPN B 4 -4.55 9.93 -14.74
CZ DPN B 4 -5.15 10.57 -13.67
N PRO B 5 -2.36 6.43 -13.06
CA PRO B 5 -0.88 6.49 -13.13
C PRO B 5 0.11 5.30 -13.07
N VAL B 6 -0.22 4.01 -13.10
CA VAL B 6 0.91 3.05 -13.10
C VAL B 6 0.68 1.79 -13.89
N ORN B 7 1.65 1.63 -14.76
CA ORN B 7 1.52 0.90 -15.98
CB ORN B 7 0.99 1.87 -17.06
CG ORN B 7 1.85 2.28 -18.23
CD ORN B 7 1.44 3.65 -18.77
NE ORN B 7 1.80 3.86 -20.16
C ORN B 7 2.92 0.41 -16.11
O ORN B 7 3.84 0.90 -15.46
N LEU B 8 3.10 -0.53 -17.00
CA LEU B 8 4.10 -1.51 -16.72
C LEU B 8 3.59 -2.47 -17.64
N DPN B 9 4.41 -2.60 -18.63
CA DPN B 9 4.05 -3.50 -19.58
C DPN B 9 2.65 -3.06 -20.12
O DPN B 9 2.38 -1.86 -20.13
CB DPN B 9 5.15 -3.67 -20.58
CG DPN B 9 5.23 -4.98 -21.03
CD1 DPN B 9 5.61 -6.01 -20.22
CD2 DPN B 9 4.44 -5.24 -22.13
CE1 DPN B 9 5.45 -7.29 -20.65
CE2 DPN B 9 4.26 -6.49 -22.56
CZ DPN B 9 4.75 -7.54 -21.83
N PRO B 10 2.16 -3.88 -21.04
CA PRO B 10 0.93 -3.31 -21.62
C PRO B 10 -0.27 -3.14 -20.69
CA CA C . -2.99 -12.10 -5.29
CA CA D . 0.54 14.75 11.25
#